data_4U1S
#
_entry.id   4U1S
#
_cell.length_a   51.170
_cell.length_b   81.250
_cell.length_c   110.770
_cell.angle_alpha   90.000
_cell.angle_beta   90.000
_cell.angle_gamma   90.000
#
_symmetry.space_group_name_H-M   'P 21 21 21'
#
loop_
_entity.id
_entity.type
_entity.pdbx_description
1 polymer 'HLA class I histocompatibility antigen, B-81 alpha chain'
2 polymer Beta-2-microglobulin
3 polymer 'Vpr protein'
4 non-polymer 1,2-ETHANEDIOL
5 non-polymer 'SULFATE ION'
6 non-polymer GLYCEROL
7 water water
#
loop_
_entity_poly.entity_id
_entity_poly.type
_entity_poly.pdbx_seq_one_letter_code
_entity_poly.pdbx_strand_id
1 'polypeptide(L)'
;MGSHSMRYFYTSVSRPGRGEPRFISVGYVDDTQFVRFDSDAASPREEPRAPWIEQEGPEYWDRNTQIYKAQAQTDRESLR
NLRGYYNQSEAGSHTLQSMYGCDVGPDGRLLRGHNQYAYDGKDYIALNEDLRSWTAADTAAQISQRKLEAARVAEQLRAY
LEGECVEWLRRYLENGKDKLERADPPKTHVTHHPISDHEATLRCWALGFYPAEITLTWQRDGEDQTQDTELVETRPAGDR
TFQKWTAVVVPSGEEQRYTCHVQHEGLPKPLTLRWEPS
;
A
2 'polypeptide(L)'
;MIQRTPKIQVYSRHPAENGKSNFLNCYVSGFHPSDIEVDLLKNGERIEKVEHSDLSFSKDWSFYLLYYTEFTPTEKDEYA
CRVNHVTLSQPKIVKWDRDM
;
B
3 'polypeptide(L)' FPRPWLHGL C
#
# COMPACT_ATOMS: atom_id res chain seq x y z
N MET A 1 0.72 19.83 -5.37
CA MET A 1 2.20 19.93 -5.21
C MET A 1 2.55 20.49 -3.82
N GLY A 2 3.71 20.01 -3.34
CA GLY A 2 4.27 20.40 -2.05
C GLY A 2 3.49 19.92 -0.84
N SER A 3 2.45 19.13 -1.03
CA SER A 3 1.64 18.72 0.10
C SER A 3 2.21 17.40 0.65
N HIS A 4 1.87 17.07 1.89
CA HIS A 4 2.35 15.88 2.53
C HIS A 4 1.25 15.28 3.39
N SER A 5 1.36 13.99 3.69
CA SER A 5 0.46 13.31 4.57
C SER A 5 1.14 12.44 5.57
N MET A 6 0.48 12.26 6.71
CA MET A 6 0.87 11.22 7.64
C MET A 6 -0.32 10.28 7.83
N ARG A 7 -0.07 9.01 7.87
CA ARG A 7 -1.16 8.06 8.05
C ARG A 7 -0.73 6.92 8.93
N TYR A 8 -1.66 6.41 9.75
CA TYR A 8 -1.50 5.14 10.46
C TYR A 8 -2.57 4.19 9.97
N PHE A 9 -2.15 2.96 9.69
CA PHE A 9 -3.03 1.89 9.20
C PHE A 9 -3.00 0.72 10.21
N TYR A 10 -4.15 0.47 10.88
CA TYR A 10 -4.27 -0.59 11.86
C TYR A 10 -5.14 -1.71 11.29
N THR A 11 -4.67 -2.94 11.54
CA THR A 11 -5.40 -4.16 11.16
C THR A 11 -5.54 -5.06 12.38
N SER A 12 -6.79 -5.37 12.78
CA SER A 12 -7.06 -6.39 13.83
C SER A 12 -7.83 -7.50 13.22
N VAL A 13 -7.36 -8.71 13.44
CA VAL A 13 -7.98 -9.88 12.82
C VAL A 13 -8.22 -10.92 13.90
N SER A 14 -9.46 -11.31 14.07
CA SER A 14 -9.80 -12.40 14.96
C SER A 14 -9.52 -13.74 14.37
N ARG A 15 -9.33 -14.73 15.25
CA ARG A 15 -8.90 -16.08 14.86
C ARG A 15 -9.38 -17.05 15.94
N PRO A 16 -10.70 -17.24 16.05
CA PRO A 16 -11.20 -18.11 17.08
C PRO A 16 -10.52 -19.50 17.09
N GLY A 17 -10.11 -19.92 18.26
CA GLY A 17 -9.42 -21.19 18.41
C GLY A 17 -7.90 -21.07 18.30
N ARG A 18 -7.43 -19.89 17.87
CA ARG A 18 -6.00 -19.67 17.66
C ARG A 18 -5.44 -18.40 18.35
N GLY A 19 -6.00 -18.15 19.54
CA GLY A 19 -5.62 -17.06 20.38
C GLY A 19 -6.44 -15.81 20.22
N GLU A 20 -5.92 -14.73 20.79
CA GLU A 20 -6.54 -13.41 20.68
C GLU A 20 -6.28 -12.76 19.34
N PRO A 21 -7.17 -11.83 18.92
CA PRO A 21 -7.00 -11.17 17.64
C PRO A 21 -5.63 -10.50 17.47
N ARG A 22 -5.04 -10.69 16.31
CA ARG A 22 -3.78 -10.03 16.01
C ARG A 22 -4.02 -8.56 15.79
N PHE A 23 -3.13 -7.70 16.30
CA PHE A 23 -3.10 -6.27 16.00
C PHE A 23 -1.79 -5.91 15.32
N ILE A 24 -1.88 -5.28 14.17
CA ILE A 24 -0.72 -4.77 13.43
C ILE A 24 -0.95 -3.27 13.15
N SER A 25 0.07 -2.43 13.32
N SER A 25 0.08 -2.45 13.36
CA SER A 25 -0.03 -1.01 12.92
CA SER A 25 0.06 -1.04 12.93
C SER A 25 1.22 -0.63 12.17
C SER A 25 1.25 -0.82 12.02
N VAL A 26 1.02 0.06 11.05
CA VAL A 26 2.11 0.67 10.31
C VAL A 26 1.83 2.21 10.21
N GLY A 27 2.90 3.01 10.21
CA GLY A 27 2.81 4.43 9.99
C GLY A 27 3.60 4.85 8.76
N TYR A 28 3.04 5.80 8.02
CA TYR A 28 3.64 6.32 6.79
C TYR A 28 3.69 7.86 6.85
N VAL A 29 4.70 8.40 6.17
CA VAL A 29 4.73 9.77 5.75
C VAL A 29 4.74 9.67 4.23
N ASP A 30 3.71 10.21 3.61
CA ASP A 30 3.54 10.05 2.14
C ASP A 30 3.62 8.56 1.80
N ASP A 31 4.51 8.16 0.88
CA ASP A 31 4.65 6.77 0.48
C ASP A 31 5.80 6.03 1.21
N THR A 32 6.30 6.64 2.27
CA THR A 32 7.42 6.10 3.03
C THR A 32 6.99 5.55 4.38
N GLN A 33 7.10 4.26 4.55
CA GLN A 33 6.77 3.64 5.85
C GLN A 33 7.85 3.94 6.86
N PHE A 34 7.50 4.28 8.11
CA PHE A 34 8.52 4.62 9.06
C PHE A 34 8.46 3.88 10.39
N VAL A 35 7.34 3.25 10.71
CA VAL A 35 7.20 2.50 11.95
C VAL A 35 6.28 1.33 11.76
N ARG A 36 6.39 0.34 12.67
CA ARG A 36 5.46 -0.75 12.75
C ARG A 36 5.28 -1.22 14.18
N PHE A 37 4.21 -1.98 14.41
CA PHE A 37 4.01 -2.77 15.61
C PHE A 37 3.25 -4.02 15.24
N ASP A 38 3.60 -5.15 15.87
CA ASP A 38 2.86 -6.37 15.61
C ASP A 38 2.71 -7.09 16.93
N SER A 39 1.44 -7.26 17.37
CA SER A 39 1.16 -8.00 18.61
C SER A 39 1.67 -9.44 18.62
N ASP A 40 1.90 -10.04 17.45
CA ASP A 40 2.45 -11.42 17.40
C ASP A 40 3.97 -11.49 17.46
N ALA A 41 4.65 -10.36 17.53
CA ALA A 41 6.10 -10.35 17.75
C ALA A 41 6.42 -10.94 19.11
N ALA A 42 7.61 -11.54 19.26
CA ALA A 42 7.97 -12.06 20.56
C ALA A 42 7.91 -11.03 21.69
N SER A 43 8.38 -9.81 21.41
CA SER A 43 8.37 -8.73 22.38
C SER A 43 7.79 -7.51 21.68
N PRO A 44 6.45 -7.40 21.58
CA PRO A 44 5.82 -6.34 20.83
C PRO A 44 6.22 -4.96 21.26
N ARG A 45 6.70 -4.22 20.29
CA ARG A 45 7.19 -2.88 20.50
C ARG A 45 7.09 -2.15 19.18
N GLU A 46 6.89 -0.85 19.24
CA GLU A 46 7.00 -0.07 18.02
C GLU A 46 8.46 -0.10 17.59
N GLU A 47 8.65 -0.30 16.27
CA GLU A 47 9.98 -0.45 15.72
C GLU A 47 10.18 0.53 14.58
N PRO A 48 11.38 1.01 14.42
CA PRO A 48 11.71 1.87 13.26
C PRO A 48 11.77 1.13 11.95
N ARG A 49 11.23 1.75 10.90
CA ARG A 49 11.26 1.20 9.56
C ARG A 49 11.77 2.18 8.49
N ALA A 50 12.28 3.28 8.99
CA ALA A 50 13.13 4.22 8.21
C ALA A 50 14.29 4.74 9.04
N PRO A 51 15.41 5.08 8.42
CA PRO A 51 16.56 5.56 9.23
C PRO A 51 16.34 6.81 10.00
N TRP A 52 15.57 7.76 9.44
CA TRP A 52 15.45 9.06 10.02
C TRP A 52 14.67 9.09 11.29
N ILE A 53 13.84 8.07 11.55
CA ILE A 53 13.09 8.04 12.80
C ILE A 53 13.92 7.43 13.95
N GLU A 54 15.03 6.80 13.67
CA GLU A 54 15.82 6.12 14.71
C GLU A 54 16.35 7.05 15.78
N GLN A 55 16.53 8.31 15.40
CA GLN A 55 16.97 9.34 16.33
C GLN A 55 16.01 9.58 17.47
N GLU A 56 14.70 9.26 17.34
CA GLU A 56 13.81 9.58 18.40
C GLU A 56 14.24 8.79 19.64
N GLY A 57 14.07 9.44 20.79
CA GLY A 57 14.53 8.91 22.09
C GLY A 57 13.64 7.84 22.65
N PRO A 58 14.10 7.16 23.71
CA PRO A 58 13.33 6.05 24.29
C PRO A 58 11.92 6.41 24.71
N GLU A 59 11.66 7.64 25.13
CA GLU A 59 10.33 8.06 25.58
C GLU A 59 9.30 7.97 24.41
N TYR A 60 9.77 8.17 23.21
CA TYR A 60 8.90 8.09 22.01
C TYR A 60 8.46 6.62 21.79
N TRP A 61 9.43 5.72 21.72
CA TRP A 61 9.16 4.31 21.46
C TRP A 61 8.31 3.74 22.59
N ASP A 62 8.59 4.18 23.82
CA ASP A 62 7.83 3.64 24.98
C ASP A 62 6.36 4.10 24.93
N ARG A 63 6.16 5.40 24.70
CA ARG A 63 4.80 5.95 24.62
C ARG A 63 3.98 5.22 23.59
N ASN A 64 4.56 5.07 22.40
CA ASN A 64 3.83 4.55 21.28
C ASN A 64 3.52 3.08 21.45
N THR A 65 4.51 2.34 21.97
CA THR A 65 4.28 0.94 22.33
C THR A 65 3.06 0.77 23.25
N GLN A 66 3.00 1.59 24.29
CA GLN A 66 1.87 1.55 25.26
C GLN A 66 0.52 1.90 24.57
N ILE A 67 0.57 2.88 23.68
CA ILE A 67 -0.58 3.17 22.76
C ILE A 67 -1.05 2.00 21.95
N TYR A 68 -0.15 1.33 21.26
CA TYR A 68 -0.59 0.21 20.46
C TYR A 68 -1.17 -0.93 21.31
N LYS A 69 -0.55 -1.25 22.43
CA LYS A 69 -1.04 -2.31 23.28
C LYS A 69 -2.51 -1.98 23.75
N ALA A 70 -2.74 -0.74 24.15
CA ALA A 70 -4.08 -0.30 24.49
C ALA A 70 -5.03 -0.33 23.35
N GLN A 71 -4.57 0.05 22.14
CA GLN A 71 -5.39 -0.01 20.98
C GLN A 71 -5.77 -1.44 20.61
N ALA A 72 -4.80 -2.36 20.78
CA ALA A 72 -5.09 -3.77 20.55
C ALA A 72 -6.20 -4.26 21.46
N GLN A 73 -6.17 -3.90 22.74
CA GLN A 73 -7.16 -4.31 23.67
C GLN A 73 -8.54 -3.68 23.26
N THR A 74 -8.52 -2.42 22.87
CA THR A 74 -9.75 -1.70 22.49
C THR A 74 -10.36 -2.31 21.22
N ASP A 75 -9.53 -2.64 20.24
CA ASP A 75 -9.98 -3.28 19.02
C ASP A 75 -10.61 -4.66 19.32
N ARG A 76 -10.08 -5.37 20.30
CA ARG A 76 -10.63 -6.69 20.66
C ARG A 76 -12.05 -6.50 21.22
N GLU A 77 -12.24 -5.49 22.05
CA GLU A 77 -13.60 -5.13 22.47
C GLU A 77 -14.51 -4.74 21.27
N SER A 78 -13.98 -3.93 20.39
CA SER A 78 -14.74 -3.54 19.21
C SER A 78 -15.17 -4.77 18.36
N LEU A 79 -14.25 -5.70 18.18
CA LEU A 79 -14.56 -6.93 17.42
C LEU A 79 -15.65 -7.74 18.09
N ARG A 80 -15.58 -7.90 19.42
CA ARG A 80 -16.66 -8.53 20.12
C ARG A 80 -18.00 -7.81 19.90
N ASN A 81 -18.00 -6.51 20.00
CA ASN A 81 -19.22 -5.73 19.94
C ASN A 81 -19.83 -5.83 18.55
N LEU A 82 -18.98 -5.79 17.52
CA LEU A 82 -19.43 -5.81 16.14
C LEU A 82 -20.00 -7.17 15.79
N ARG A 83 -19.38 -8.24 16.31
CA ARG A 83 -19.94 -9.58 16.12
C ARG A 83 -21.35 -9.61 16.67
N GLY A 84 -21.55 -9.07 17.86
CA GLY A 84 -22.88 -8.94 18.45
C GLY A 84 -23.83 -8.11 17.62
N TYR A 85 -23.38 -6.94 17.12
CA TYR A 85 -24.29 -6.05 16.36
C TYR A 85 -24.78 -6.77 15.11
N TYR A 86 -23.96 -7.64 14.57
CA TYR A 86 -24.31 -8.34 13.32
C TYR A 86 -24.86 -9.73 13.56
N ASN A 87 -25.10 -10.10 14.85
CA ASN A 87 -25.60 -11.45 15.19
C ASN A 87 -24.70 -12.56 14.64
N GLN A 88 -23.41 -12.32 14.63
CA GLN A 88 -22.47 -13.28 14.07
C GLN A 88 -21.99 -14.34 15.06
N SER A 89 -21.64 -15.50 14.50
CA SER A 89 -21.13 -16.63 15.27
C SER A 89 -19.75 -16.34 15.89
N GLU A 90 -19.51 -16.92 17.07
CA GLU A 90 -18.20 -16.85 17.70
C GLU A 90 -17.11 -17.66 16.98
N ALA A 91 -17.52 -18.46 15.99
CA ALA A 91 -16.63 -19.41 15.29
C ALA A 91 -15.87 -18.79 14.11
N GLY A 92 -16.34 -17.70 13.57
CA GLY A 92 -15.62 -17.07 12.42
C GLY A 92 -14.60 -16.01 12.73
N SER A 93 -13.66 -15.84 11.79
CA SER A 93 -12.70 -14.76 11.76
C SER A 93 -13.29 -13.50 11.13
N HIS A 94 -12.98 -12.37 11.74
CA HIS A 94 -13.42 -11.04 11.26
C HIS A 94 -12.25 -10.08 11.35
N THR A 95 -12.30 -9.06 10.51
CA THR A 95 -11.30 -8.01 10.43
C THR A 95 -11.85 -6.64 10.75
N LEU A 96 -11.11 -5.89 11.58
CA LEU A 96 -11.35 -4.47 11.82
C LEU A 96 -10.15 -3.67 11.37
N GLN A 97 -10.33 -2.82 10.38
CA GLN A 97 -9.25 -1.95 9.96
C GLN A 97 -9.53 -0.53 10.33
N SER A 98 -8.47 0.25 10.61
CA SER A 98 -8.59 1.64 11.01
C SER A 98 -7.58 2.44 10.23
N MET A 99 -7.95 3.68 9.82
CA MET A 99 -6.97 4.55 9.10
C MET A 99 -7.22 5.92 9.71
N TYR A 100 -6.16 6.63 10.06
CA TYR A 100 -6.28 8.03 10.44
C TYR A 100 -5.06 8.83 10.03
N GLY A 101 -5.17 10.14 10.05
CA GLY A 101 -4.00 10.95 9.76
C GLY A 101 -4.40 12.28 9.18
N CYS A 102 -3.38 13.05 8.81
CA CYS A 102 -3.55 14.40 8.40
C CYS A 102 -2.80 14.69 7.10
N ASP A 103 -3.36 15.61 6.34
CA ASP A 103 -2.76 16.11 5.12
C ASP A 103 -2.40 17.57 5.35
N VAL A 104 -1.19 18.01 4.98
CA VAL A 104 -0.77 19.37 5.11
C VAL A 104 -0.31 19.96 3.78
N GLY A 105 -0.43 21.26 3.64
CA GLY A 105 0.17 21.98 2.52
C GLY A 105 1.62 22.35 2.71
N PRO A 106 2.20 23.05 1.73
CA PRO A 106 3.61 23.52 1.75
C PRO A 106 3.92 24.35 2.98
N ASP A 107 2.95 25.10 3.48
CA ASP A 107 3.14 25.87 4.70
C ASP A 107 2.92 25.10 6.01
N GLY A 108 2.60 23.81 5.96
CA GLY A 108 2.48 23.03 7.18
C GLY A 108 1.10 23.06 7.81
N ARG A 109 0.17 23.81 7.24
CA ARG A 109 -1.17 23.93 7.83
C ARG A 109 -2.09 22.78 7.40
N LEU A 110 -2.97 22.38 8.31
CA LEU A 110 -3.86 21.28 8.05
C LEU A 110 -4.73 21.56 6.83
N LEU A 111 -4.70 20.65 5.85
CA LEU A 111 -5.61 20.65 4.71
C LEU A 111 -6.84 19.76 4.93
N ARG A 112 -6.62 18.66 5.59
CA ARG A 112 -7.67 17.79 6.03
C ARG A 112 -7.28 16.66 6.89
N GLY A 113 -8.21 16.23 7.73
CA GLY A 113 -7.94 15.11 8.63
C GLY A 113 -8.84 13.92 8.33
N HIS A 114 -8.44 12.76 8.81
CA HIS A 114 -9.10 11.45 8.50
C HIS A 114 -9.14 10.57 9.71
N ASN A 115 -10.26 9.85 9.91
CA ASN A 115 -10.32 8.80 10.94
C ASN A 115 -11.49 7.88 10.59
N GLN A 116 -11.20 6.75 9.99
CA GLN A 116 -12.26 5.84 9.55
C GLN A 116 -11.95 4.39 9.70
N TYR A 117 -13.01 3.61 9.56
CA TYR A 117 -12.95 2.20 9.88
C TYR A 117 -13.69 1.35 8.89
N ALA A 118 -13.20 0.11 8.76
CA ALA A 118 -13.83 -0.91 7.96
C ALA A 118 -13.94 -2.23 8.74
N TYR A 119 -15.03 -2.93 8.50
CA TYR A 119 -15.33 -4.23 9.09
C TYR A 119 -15.48 -5.26 8.00
N ASP A 120 -14.64 -6.28 8.00
CA ASP A 120 -14.62 -7.30 6.98
C ASP A 120 -14.49 -6.71 5.60
N GLY A 121 -13.72 -5.63 5.58
CA GLY A 121 -13.30 -4.99 4.33
C GLY A 121 -14.30 -4.03 3.75
N LYS A 122 -15.37 -3.69 4.50
CA LYS A 122 -16.42 -2.77 4.06
C LYS A 122 -16.48 -1.58 5.00
N ASP A 123 -16.61 -0.38 4.40
CA ASP A 123 -16.67 0.83 5.22
C ASP A 123 -17.73 0.67 6.27
N TYR A 124 -17.38 1.08 7.48
CA TYR A 124 -18.21 0.92 8.65
C TYR A 124 -18.64 2.23 9.25
N ILE A 125 -17.68 3.02 9.70
CA ILE A 125 -17.99 4.34 10.16
C ILE A 125 -16.79 5.26 9.90
N ALA A 126 -17.07 6.53 9.67
CA ALA A 126 -15.99 7.52 9.29
C ALA A 126 -16.24 8.86 9.96
N LEU A 127 -15.17 9.51 10.46
CA LEU A 127 -15.19 10.90 10.85
C LEU A 127 -15.31 11.73 9.59
N ASN A 128 -16.32 12.57 9.59
CA ASN A 128 -16.57 13.47 8.50
C ASN A 128 -15.42 14.53 8.42
N GLU A 129 -15.37 15.22 7.30
CA GLU A 129 -14.24 16.18 7.01
C GLU A 129 -14.34 17.37 7.94
N ASP A 130 -15.55 17.60 8.54
CA ASP A 130 -15.67 18.61 9.57
C ASP A 130 -14.91 18.33 10.86
N LEU A 131 -14.54 17.08 11.09
CA LEU A 131 -13.87 16.64 12.31
C LEU A 131 -14.77 16.82 13.52
N ARG A 132 -16.08 16.80 13.25
CA ARG A 132 -17.06 17.03 14.31
C ARG A 132 -18.19 15.99 14.33
N SER A 133 -18.46 15.38 13.19
CA SER A 133 -19.62 14.48 13.00
C SER A 133 -19.20 13.21 12.33
N TRP A 134 -20.05 12.17 12.39
CA TRP A 134 -19.74 10.89 11.86
C TRP A 134 -20.70 10.44 10.75
N THR A 135 -20.23 9.61 9.82
CA THR A 135 -21.08 8.90 8.89
C THR A 135 -21.06 7.40 9.13
N ALA A 136 -22.23 6.83 9.42
CA ALA A 136 -22.38 5.38 9.67
C ALA A 136 -22.91 4.65 8.46
N ALA A 137 -22.38 3.46 8.18
CA ALA A 137 -22.80 2.70 7.01
C ALA A 137 -24.19 2.05 7.12
N ASP A 138 -24.61 1.68 8.34
CA ASP A 138 -25.75 0.77 8.53
C ASP A 138 -26.17 0.81 9.99
N THR A 139 -27.17 0.01 10.38
CA THR A 139 -27.73 0.19 11.73
C THR A 139 -26.74 -0.26 12.83
N ALA A 140 -25.82 -1.17 12.51
CA ALA A 140 -24.78 -1.55 13.44
C ALA A 140 -23.87 -0.35 13.71
N ALA A 141 -23.44 0.30 12.64
CA ALA A 141 -22.56 1.43 12.79
C ALA A 141 -23.23 2.59 13.48
N GLN A 142 -24.55 2.72 13.39
CA GLN A 142 -25.26 3.75 14.15
C GLN A 142 -25.12 3.57 15.67
N ILE A 143 -24.98 2.33 16.09
CA ILE A 143 -24.74 2.02 17.49
C ILE A 143 -23.37 2.56 17.93
N SER A 144 -22.39 2.30 17.12
CA SER A 144 -21.03 2.79 17.37
C SER A 144 -21.07 4.29 17.36
N GLN A 145 -21.78 4.85 16.39
CA GLN A 145 -21.89 6.31 16.31
C GLN A 145 -22.44 6.92 17.60
N ARG A 146 -23.53 6.36 18.18
CA ARG A 146 -24.06 6.90 19.41
C ARG A 146 -23.05 6.87 20.60
N LYS A 147 -22.31 5.78 20.67
CA LYS A 147 -21.26 5.55 21.64
C LYS A 147 -20.12 6.58 21.48
N LEU A 148 -19.76 6.84 20.25
CA LEU A 148 -18.66 7.83 19.98
C LEU A 148 -19.06 9.23 20.31
N GLU A 149 -20.33 9.55 20.02
CA GLU A 149 -20.88 10.82 20.35
C GLU A 149 -20.98 11.03 21.85
N ALA A 150 -21.45 10.01 22.55
CA ALA A 150 -21.56 10.06 23.97
C ALA A 150 -20.23 10.30 24.66
N ALA A 151 -19.18 9.64 24.22
CA ALA A 151 -17.80 9.76 24.78
C ALA A 151 -17.00 11.00 24.25
N ARG A 152 -17.65 11.82 23.46
CA ARG A 152 -17.06 12.99 22.86
C ARG A 152 -15.85 12.78 22.00
N VAL A 153 -15.84 11.68 21.26
CA VAL A 153 -14.61 11.20 20.63
C VAL A 153 -14.16 12.10 19.48
N ALA A 154 -15.11 12.61 18.70
CA ALA A 154 -14.75 13.54 17.57
C ALA A 154 -13.95 14.71 18.08
N GLU A 155 -14.28 15.24 19.26
CA GLU A 155 -13.56 16.36 19.83
C GLU A 155 -12.09 16.04 20.08
N GLN A 156 -11.87 14.83 20.56
CA GLN A 156 -10.53 14.40 20.86
C GLN A 156 -9.77 14.19 19.58
N LEU A 157 -10.43 13.66 18.55
CA LEU A 157 -9.80 13.41 17.29
C LEU A 157 -9.46 14.72 16.64
N ARG A 158 -10.35 15.68 16.69
CA ARG A 158 -10.08 17.00 16.11
C ARG A 158 -8.84 17.65 16.71
N ALA A 159 -8.71 17.57 18.03
CA ALA A 159 -7.56 18.12 18.73
C ALA A 159 -6.23 17.45 18.30
N TYR A 160 -6.25 16.12 18.17
CA TYR A 160 -5.09 15.38 17.66
C TYR A 160 -4.76 15.79 16.21
N LEU A 161 -5.80 15.83 15.38
CA LEU A 161 -5.58 16.02 13.93
C LEU A 161 -5.13 17.41 13.63
N GLU A 162 -5.63 18.41 14.34
CA GLU A 162 -5.19 19.82 14.16
C GLU A 162 -3.88 20.15 14.86
N GLY A 163 -3.50 19.30 15.83
CA GLY A 163 -2.48 19.59 16.76
C GLY A 163 -1.27 18.69 16.54
N GLU A 164 -1.20 17.63 17.36
CA GLU A 164 -0.05 16.71 17.28
C GLU A 164 0.17 16.08 15.92
N CYS A 165 -0.88 15.70 15.17
CA CYS A 165 -0.67 15.09 13.90
C CYS A 165 0.17 16.01 12.99
N VAL A 166 -0.22 17.26 12.93
CA VAL A 166 0.45 18.20 12.03
C VAL A 166 1.83 18.50 12.56
N GLU A 167 1.94 18.66 13.88
CA GLU A 167 3.16 19.09 14.48
C GLU A 167 4.22 18.02 14.29
N TRP A 168 3.90 16.79 14.55
CA TRP A 168 4.83 15.67 14.36
C TRP A 168 5.17 15.41 12.88
N LEU A 169 4.14 15.50 12.01
CA LEU A 169 4.43 15.41 10.57
C LEU A 169 5.48 16.47 10.15
N ARG A 170 5.32 17.68 10.61
CA ARG A 170 6.32 18.75 10.34
C ARG A 170 7.71 18.40 10.85
N ARG A 171 7.79 17.82 12.05
CA ARG A 171 9.06 17.40 12.65
C ARG A 171 9.70 16.35 11.75
N TYR A 172 8.89 15.39 11.28
CA TYR A 172 9.44 14.29 10.38
C TYR A 172 9.98 14.91 9.12
N LEU A 173 9.20 15.83 8.55
CA LEU A 173 9.63 16.43 7.26
C LEU A 173 10.93 17.22 7.41
N GLU A 174 11.12 17.86 8.58
CA GLU A 174 12.29 18.63 8.83
C GLU A 174 13.50 17.88 9.24
N ASN A 175 13.35 16.64 9.64
CA ASN A 175 14.46 15.82 10.02
C ASN A 175 14.21 14.36 9.82
N GLY A 176 14.34 14.01 8.53
CA GLY A 176 13.70 13.11 7.56
C GLY A 176 13.79 13.79 6.11
N LYS A 177 14.14 15.05 6.10
CA LYS A 177 14.01 15.93 4.96
C LYS A 177 14.64 15.47 3.64
N ASP A 178 15.86 14.93 3.72
CA ASP A 178 16.58 14.49 2.48
C ASP A 178 15.80 13.41 1.64
N LYS A 179 15.05 12.60 2.32
CA LYS A 179 14.26 11.55 1.72
C LYS A 179 12.81 12.01 1.50
N LEU A 180 12.22 12.71 2.46
CA LEU A 180 10.80 12.96 2.40
C LEU A 180 10.43 14.12 1.49
N GLU A 181 11.27 15.13 1.38
CA GLU A 181 10.95 16.30 0.58
C GLU A 181 11.58 16.11 -0.80
N ARG A 182 12.09 14.93 -1.15
CA ARG A 182 12.83 14.79 -2.45
C ARG A 182 11.99 13.97 -3.37
N ALA A 183 11.50 14.53 -4.49
CA ALA A 183 10.82 13.70 -5.50
C ALA A 183 11.87 13.26 -6.50
N ASP A 184 11.77 11.99 -6.90
CA ASP A 184 12.68 11.41 -7.85
C ASP A 184 11.81 11.19 -9.10
N PRO A 185 12.08 11.87 -10.21
CA PRO A 185 11.37 11.64 -11.47
C PRO A 185 11.61 10.24 -11.99
N PRO A 186 10.65 9.74 -12.77
CA PRO A 186 10.82 8.46 -13.37
C PRO A 186 11.83 8.55 -14.48
N LYS A 187 12.57 7.48 -14.62
CA LYS A 187 13.36 7.18 -15.81
C LYS A 187 12.42 6.47 -16.75
N THR A 188 12.38 6.90 -18.01
CA THR A 188 11.32 6.47 -18.94
C THR A 188 11.87 5.92 -20.21
N HIS A 189 11.16 4.94 -20.78
CA HIS A 189 11.52 4.47 -22.12
C HIS A 189 10.34 3.68 -22.70
N VAL A 190 10.38 3.47 -24.03
CA VAL A 190 9.42 2.61 -24.70
C VAL A 190 10.10 1.39 -25.29
N THR A 191 9.55 0.18 -25.05
CA THR A 191 10.06 -1.07 -25.64
C THR A 191 9.01 -1.59 -26.63
N HIS A 192 9.45 -2.45 -27.52
CA HIS A 192 8.69 -2.92 -28.69
C HIS A 192 8.74 -4.45 -28.64
N HIS A 193 7.58 -5.10 -28.73
CA HIS A 193 7.51 -6.57 -28.59
C HIS A 193 6.56 -7.09 -29.69
N PRO A 194 7.11 -7.53 -30.86
CA PRO A 194 6.32 -8.14 -31.91
C PRO A 194 5.43 -9.23 -31.31
N ILE A 195 4.18 -9.27 -31.73
CA ILE A 195 3.23 -10.26 -31.30
C ILE A 195 2.96 -11.22 -32.48
N SER A 196 2.89 -10.68 -33.69
CA SER A 196 2.57 -11.45 -34.87
C SER A 196 3.17 -10.67 -36.05
N ASP A 197 2.93 -11.13 -37.25
CA ASP A 197 3.29 -10.31 -38.44
C ASP A 197 2.50 -8.98 -38.50
N HIS A 198 1.35 -8.90 -37.84
CA HIS A 198 0.38 -7.81 -38.05
C HIS A 198 0.38 -6.79 -36.93
N GLU A 199 0.90 -7.14 -35.77
CA GLU A 199 0.82 -6.35 -34.55
C GLU A 199 2.06 -6.43 -33.65
N ALA A 200 2.29 -5.39 -32.85
CA ALA A 200 3.39 -5.34 -31.92
C ALA A 200 2.87 -4.66 -30.67
N THR A 201 3.42 -4.99 -29.50
CA THR A 201 3.15 -4.25 -28.27
C THR A 201 4.20 -3.16 -28.09
N LEU A 202 3.72 -1.93 -27.76
CA LEU A 202 4.58 -0.87 -27.30
C LEU A 202 4.35 -0.80 -25.79
N ARG A 203 5.42 -0.89 -25.04
CA ARG A 203 5.30 -0.81 -23.56
C ARG A 203 6.06 0.45 -23.08
N CYS A 204 5.34 1.35 -22.40
CA CYS A 204 5.94 2.62 -21.92
C CYS A 204 6.23 2.43 -20.40
N TRP A 205 7.50 2.50 -20.07
CA TRP A 205 8.00 2.24 -18.72
C TRP A 205 8.27 3.55 -17.97
N ALA A 206 7.94 3.49 -16.68
CA ALA A 206 8.39 4.51 -15.68
C ALA A 206 9.02 3.76 -14.49
N LEU A 207 10.30 4.06 -14.22
CA LEU A 207 11.10 3.37 -13.21
C LEU A 207 11.78 4.34 -12.23
N GLY A 208 12.00 3.87 -11.00
CA GLY A 208 12.79 4.62 -10.03
C GLY A 208 12.14 5.90 -9.49
N PHE A 209 10.81 5.98 -9.44
CA PHE A 209 10.20 7.25 -9.10
C PHE A 209 9.62 7.26 -7.71
N TYR A 210 9.52 8.47 -7.17
CA TYR A 210 8.90 8.68 -5.85
C TYR A 210 8.39 10.08 -5.84
N PRO A 211 7.16 10.31 -5.31
CA PRO A 211 6.24 9.38 -4.73
C PRO A 211 5.56 8.50 -5.79
N ALA A 212 4.66 7.64 -5.34
CA ALA A 212 4.00 6.66 -6.22
C ALA A 212 3.04 7.24 -7.29
N GLU A 213 2.44 8.38 -7.00
CA GLU A 213 1.40 8.94 -7.92
C GLU A 213 2.06 9.25 -9.23
N ILE A 214 1.49 8.73 -10.34
CA ILE A 214 2.03 9.00 -11.68
C ILE A 214 0.84 8.83 -12.66
N THR A 215 0.89 9.43 -13.84
CA THR A 215 -0.12 9.15 -14.86
C THR A 215 0.67 8.79 -16.12
N LEU A 216 0.31 7.65 -16.71
CA LEU A 216 0.88 7.20 -17.98
C LEU A 216 -0.26 7.01 -18.98
N THR A 217 -0.16 7.60 -20.15
CA THR A 217 -1.33 7.56 -21.10
C THR A 217 -0.78 7.40 -22.50
N TRP A 218 -1.45 6.57 -23.33
CA TRP A 218 -1.04 6.35 -24.71
C TRP A 218 -2.03 7.16 -25.55
N GLN A 219 -1.53 7.93 -26.53
CA GLN A 219 -2.36 8.55 -27.58
C GLN A 219 -2.04 7.93 -28.94
N ARG A 220 -3.07 7.83 -29.80
CA ARG A 220 -2.93 7.52 -31.23
C ARG A 220 -3.37 8.76 -31.99
N ASP A 221 -2.48 9.26 -32.85
CA ASP A 221 -2.77 10.48 -33.63
C ASP A 221 -3.25 11.60 -32.69
N GLY A 222 -2.59 11.68 -31.53
CA GLY A 222 -2.85 12.71 -30.51
C GLY A 222 -4.14 12.59 -29.73
N GLU A 223 -4.78 11.42 -29.81
CA GLU A 223 -6.03 11.14 -29.14
C GLU A 223 -5.85 10.02 -28.11
N ASP A 224 -6.26 10.33 -26.88
CA ASP A 224 -6.22 9.33 -25.80
C ASP A 224 -6.83 7.99 -26.19
N GLN A 225 -6.09 6.95 -25.88
CA GLN A 225 -6.47 5.59 -26.17
C GLN A 225 -6.61 4.81 -24.92
N THR A 226 -7.74 4.13 -24.78
CA THR A 226 -7.91 3.08 -23.77
C THR A 226 -8.18 1.71 -24.43
N GLN A 227 -8.79 1.71 -25.61
CA GLN A 227 -8.92 0.49 -26.42
C GLN A 227 -7.55 -0.16 -26.67
N ASP A 228 -7.50 -1.47 -26.39
CA ASP A 228 -6.33 -2.27 -26.70
C ASP A 228 -5.11 -1.82 -25.88
N THR A 229 -5.37 -1.20 -24.73
CA THR A 229 -4.31 -0.88 -23.73
C THR A 229 -4.36 -1.71 -22.47
N GLU A 230 -3.21 -1.80 -21.82
CA GLU A 230 -3.09 -2.48 -20.52
C GLU A 230 -2.18 -1.61 -19.62
N LEU A 231 -2.64 -1.33 -18.40
CA LEU A 231 -1.95 -0.39 -17.46
C LEU A 231 -1.79 -1.18 -16.18
N VAL A 232 -0.57 -1.55 -15.75
CA VAL A 232 -0.38 -2.32 -14.53
C VAL A 232 -0.42 -1.40 -13.33
N GLU A 233 -0.80 -1.97 -12.19
CA GLU A 233 -0.77 -1.26 -10.93
C GLU A 233 0.63 -0.81 -10.66
N THR A 234 0.77 0.41 -10.12
CA THR A 234 2.05 0.90 -9.65
C THR A 234 2.57 -0.01 -8.58
N ARG A 235 3.85 -0.37 -8.66
CA ARG A 235 4.43 -1.39 -7.84
C ARG A 235 5.72 -0.96 -7.16
N PRO A 236 5.98 -1.45 -5.96
CA PRO A 236 7.19 -1.01 -5.25
C PRO A 236 8.42 -1.74 -5.75
N ALA A 237 9.52 -1.03 -6.01
CA ALA A 237 10.77 -1.67 -6.37
C ALA A 237 11.49 -2.36 -5.21
N GLY A 238 11.21 -1.90 -4.01
CA GLY A 238 11.85 -2.39 -2.75
C GLY A 238 12.92 -1.46 -2.22
N ASP A 239 13.30 -0.43 -2.99
CA ASP A 239 14.36 0.53 -2.59
C ASP A 239 13.83 1.96 -2.32
N ARG A 240 12.57 2.02 -1.95
CA ARG A 240 11.71 3.17 -1.64
C ARG A 240 11.01 3.64 -2.89
N THR A 241 11.49 3.27 -4.07
CA THR A 241 10.94 3.80 -5.34
C THR A 241 9.85 2.89 -5.91
N PHE A 242 9.21 3.36 -6.98
CA PHE A 242 8.11 2.65 -7.63
C PHE A 242 8.36 2.49 -9.09
N GLN A 243 7.60 1.56 -9.67
CA GLN A 243 7.61 1.23 -11.08
C GLN A 243 6.18 1.19 -11.64
N LYS A 244 6.05 1.44 -12.94
CA LYS A 244 4.76 1.24 -13.58
C LYS A 244 4.99 1.18 -15.07
N TRP A 245 4.12 0.46 -15.77
CA TRP A 245 4.08 0.54 -17.23
C TRP A 245 2.68 0.60 -17.80
N THR A 246 2.60 1.06 -19.06
CA THR A 246 1.35 0.93 -19.82
C THR A 246 1.68 0.44 -21.17
N ALA A 247 0.83 -0.39 -21.73
CA ALA A 247 1.15 -0.97 -23.01
C ALA A 247 -0.01 -0.78 -23.97
N VAL A 248 0.31 -0.79 -25.27
CA VAL A 248 -0.72 -0.76 -26.25
C VAL A 248 -0.34 -1.69 -27.42
N VAL A 249 -1.33 -2.36 -27.96
CA VAL A 249 -1.19 -3.22 -29.17
C VAL A 249 -1.47 -2.37 -30.40
N VAL A 250 -0.49 -2.30 -31.28
CA VAL A 250 -0.58 -1.49 -32.51
C VAL A 250 -0.34 -2.28 -33.76
N PRO A 251 -0.91 -1.79 -34.88
CA PRO A 251 -0.66 -2.44 -36.17
C PRO A 251 0.76 -2.23 -36.54
N SER A 252 1.43 -3.28 -36.95
CA SER A 252 2.81 -3.15 -37.25
C SER A 252 2.95 -2.23 -38.47
N GLY A 253 3.92 -1.34 -38.36
CA GLY A 253 4.13 -0.27 -39.35
C GLY A 253 3.52 1.06 -38.90
N GLU A 254 2.70 1.08 -37.84
CA GLU A 254 2.01 2.28 -37.42
C GLU A 254 2.55 2.79 -36.06
N GLU A 255 3.72 2.31 -35.65
CA GLU A 255 4.25 2.56 -34.30
C GLU A 255 4.41 4.08 -34.07
N GLN A 256 4.84 4.82 -35.10
CA GLN A 256 5.15 6.24 -34.95
C GLN A 256 3.95 7.13 -34.75
N ARG A 257 2.74 6.58 -34.95
CA ARG A 257 1.46 7.30 -34.64
C ARG A 257 1.08 7.30 -33.17
N TYR A 258 1.87 6.59 -32.38
CA TYR A 258 1.58 6.39 -30.95
C TYR A 258 2.55 7.20 -30.11
N THR A 259 1.98 7.94 -29.19
N THR A 259 2.01 7.83 -29.09
CA THR A 259 2.80 8.51 -28.18
CA THR A 259 2.80 8.63 -28.24
C THR A 259 2.38 8.18 -26.75
C THR A 259 2.38 8.35 -26.76
N CYS A 260 3.39 8.13 -25.90
CA CYS A 260 3.18 7.86 -24.44
C CYS A 260 3.40 9.17 -23.68
N HIS A 261 2.48 9.49 -22.78
CA HIS A 261 2.51 10.77 -22.08
C HIS A 261 2.66 10.50 -20.56
N VAL A 262 3.66 11.12 -19.94
CA VAL A 262 4.06 10.88 -18.53
C VAL A 262 3.95 12.14 -17.69
N GLN A 263 3.24 12.03 -16.58
CA GLN A 263 3.08 13.16 -15.64
C GLN A 263 3.47 12.64 -14.25
N HIS A 264 4.33 13.42 -13.55
CA HIS A 264 4.84 13.04 -12.23
C HIS A 264 5.29 14.32 -11.58
N GLU A 265 5.14 14.40 -10.27
CA GLU A 265 5.53 15.61 -9.53
C GLU A 265 7.02 15.98 -9.70
N GLY A 266 7.86 14.97 -9.89
CA GLY A 266 9.30 15.18 -10.11
C GLY A 266 9.65 15.73 -11.50
N LEU A 267 8.66 15.81 -12.39
CA LEU A 267 8.85 16.35 -13.76
C LEU A 267 8.40 17.82 -13.87
N PRO A 268 9.34 18.71 -14.21
CA PRO A 268 9.02 20.16 -14.55
C PRO A 268 7.85 20.31 -15.56
N LYS A 269 7.81 19.41 -16.54
CA LYS A 269 6.73 19.42 -17.50
C LYS A 269 6.48 17.99 -17.98
N PRO A 270 5.23 17.70 -18.37
CA PRO A 270 4.97 16.32 -18.82
C PRO A 270 5.87 15.86 -19.96
N LEU A 271 6.20 14.58 -20.00
CA LEU A 271 6.98 14.01 -21.09
C LEU A 271 6.07 13.38 -22.12
N THR A 272 6.53 13.42 -23.36
CA THR A 272 5.96 12.59 -24.40
C THR A 272 7.10 11.81 -25.06
N LEU A 273 6.88 10.50 -25.22
CA LEU A 273 7.86 9.48 -25.64
C LEU A 273 7.28 8.76 -26.87
N ARG A 274 8.17 8.36 -27.76
CA ARG A 274 7.79 7.54 -28.93
C ARG A 274 8.77 6.36 -28.93
N TRP A 275 8.43 5.24 -29.59
CA TRP A 275 9.43 4.20 -29.74
C TRP A 275 10.51 4.67 -30.72
N GLU A 276 11.78 4.51 -30.29
CA GLU A 276 12.96 4.83 -31.09
C GLU A 276 13.67 3.55 -31.50
N PRO A 277 13.31 2.99 -32.68
CA PRO A 277 14.02 1.78 -33.11
C PRO A 277 15.49 2.10 -33.29
N SER A 278 16.31 1.81 -32.27
CA SER A 278 17.70 2.33 -32.21
C SER A 278 18.55 1.85 -33.38
N MET B 1 -18.10 -10.79 -2.23
CA MET B 1 -18.63 -9.72 -1.31
C MET B 1 -17.48 -9.28 -0.43
N ILE B 2 -17.22 -10.08 0.61
CA ILE B 2 -16.25 -9.73 1.64
C ILE B 2 -14.94 -10.47 1.38
N GLN B 3 -14.84 -11.12 0.20
CA GLN B 3 -13.58 -11.75 -0.25
C GLN B 3 -13.09 -11.28 -1.61
N ARG B 4 -11.82 -10.91 -1.68
CA ARG B 4 -11.19 -10.42 -2.88
C ARG B 4 -9.90 -11.14 -3.16
N THR B 5 -9.73 -11.57 -4.40
CA THR B 5 -8.59 -12.40 -4.75
C THR B 5 -7.38 -11.54 -5.07
N PRO B 6 -6.19 -12.00 -4.73
CA PRO B 6 -5.01 -11.22 -5.00
C PRO B 6 -4.65 -11.04 -6.47
N LYS B 7 -4.14 -9.86 -6.74
CA LYS B 7 -3.48 -9.54 -8.00
C LYS B 7 -2.05 -9.92 -7.65
N ILE B 8 -1.28 -10.35 -8.65
CA ILE B 8 0.07 -10.76 -8.43
C ILE B 8 0.93 -10.20 -9.58
N GLN B 9 2.04 -9.55 -9.25
CA GLN B 9 3.03 -9.16 -10.22
C GLN B 9 4.36 -9.69 -9.75
N VAL B 10 5.12 -10.25 -10.69
CA VAL B 10 6.43 -10.77 -10.39
C VAL B 10 7.46 -10.06 -11.29
N TYR B 11 8.49 -9.50 -10.69
CA TYR B 11 9.35 -8.58 -11.43
C TYR B 11 10.65 -8.34 -10.68
N SER B 12 11.63 -7.82 -11.40
CA SER B 12 12.88 -7.48 -10.76
C SER B 12 12.97 -6.02 -10.31
N ARG B 13 13.84 -5.76 -9.32
CA ARG B 13 14.06 -4.38 -8.86
C ARG B 13 14.67 -3.58 -9.96
N HIS B 14 15.72 -4.12 -10.57
CA HIS B 14 16.48 -3.51 -11.68
C HIS B 14 16.29 -4.30 -13.00
N PRO B 15 16.46 -3.66 -14.16
CA PRO B 15 16.42 -4.44 -15.39
C PRO B 15 17.35 -5.64 -15.35
N ALA B 16 16.83 -6.79 -15.72
CA ALA B 16 17.58 -8.01 -15.60
C ALA B 16 18.78 -8.02 -16.55
N GLU B 17 19.87 -8.57 -16.07
CA GLU B 17 21.11 -8.75 -16.85
C GLU B 17 21.65 -10.07 -16.37
N ASN B 18 21.80 -11.03 -17.27
CA ASN B 18 22.27 -12.35 -16.87
C ASN B 18 23.60 -12.25 -16.13
N GLY B 19 23.70 -12.95 -15.00
CA GLY B 19 24.94 -12.93 -14.23
C GLY B 19 25.12 -11.78 -13.26
N LYS B 20 24.19 -10.82 -13.23
CA LYS B 20 24.31 -9.66 -12.33
C LYS B 20 23.26 -9.76 -11.23
N SER B 21 23.74 -9.63 -9.99
CA SER B 21 22.89 -9.77 -8.81
C SER B 21 21.79 -8.67 -8.82
N ASN B 22 20.62 -9.02 -8.31
CA ASN B 22 19.40 -8.21 -8.46
C ASN B 22 18.49 -8.59 -7.29
N PHE B 23 17.26 -8.10 -7.29
CA PHE B 23 16.17 -8.53 -6.40
C PHE B 23 14.95 -8.99 -7.16
N LEU B 24 14.39 -10.14 -6.78
CA LEU B 24 13.17 -10.64 -7.36
C LEU B 24 12.04 -10.25 -6.41
N ASN B 25 11.01 -9.63 -6.97
CA ASN B 25 9.85 -9.20 -6.22
C ASN B 25 8.60 -9.94 -6.62
N CYS B 26 7.76 -10.27 -5.65
CA CYS B 26 6.40 -10.75 -5.88
C CYS B 26 5.47 -9.81 -5.06
N TYR B 27 4.72 -9.00 -5.75
CA TYR B 27 3.87 -7.99 -5.14
C TYR B 27 2.43 -8.55 -5.24
N VAL B 28 1.83 -8.74 -4.09
CA VAL B 28 0.45 -9.24 -3.96
C VAL B 28 -0.41 -8.14 -3.41
N SER B 29 -1.49 -7.84 -4.11
CA SER B 29 -2.33 -6.72 -3.70
C SER B 29 -3.81 -6.98 -4.02
N GLY B 30 -4.66 -6.09 -3.51
CA GLY B 30 -6.05 -6.16 -3.82
C GLY B 30 -6.81 -7.26 -3.16
N PHE B 31 -6.26 -7.86 -2.11
CA PHE B 31 -6.87 -9.01 -1.51
C PHE B 31 -7.54 -8.75 -0.16
N HIS B 32 -8.48 -9.61 0.19
CA HIS B 32 -9.17 -9.55 1.50
C HIS B 32 -9.82 -10.89 1.68
N PRO B 33 -9.71 -11.54 2.86
CA PRO B 33 -8.99 -11.15 4.08
C PRO B 33 -7.45 -11.19 3.97
N SER B 34 -6.76 -10.88 5.07
CA SER B 34 -5.29 -10.59 5.04
C SER B 34 -4.38 -11.83 5.03
N ASP B 35 -4.85 -12.95 5.54
CA ASP B 35 -3.98 -14.15 5.58
C ASP B 35 -3.71 -14.61 4.13
N ILE B 36 -2.44 -14.86 3.83
CA ILE B 36 -2.05 -15.22 2.48
C ILE B 36 -0.73 -15.98 2.59
N GLU B 37 -0.47 -16.91 1.69
CA GLU B 37 0.84 -17.60 1.72
C GLU B 37 1.53 -17.34 0.42
N VAL B 38 2.79 -17.00 0.44
CA VAL B 38 3.51 -16.82 -0.82
C VAL B 38 4.92 -17.37 -0.76
N ASP B 39 5.24 -18.08 -1.83
CA ASP B 39 6.58 -18.61 -2.04
C ASP B 39 7.12 -18.05 -3.32
N LEU B 40 8.41 -17.74 -3.27
CA LEU B 40 9.19 -17.51 -4.49
C LEU B 40 9.89 -18.81 -4.88
N LEU B 41 9.88 -19.12 -6.17
CA LEU B 41 10.41 -20.43 -6.65
C LEU B 41 11.52 -20.22 -7.66
N LYS B 42 12.54 -21.06 -7.57
CA LYS B 42 13.62 -21.17 -8.53
C LYS B 42 13.55 -22.57 -9.17
N ASN B 43 13.24 -22.65 -10.45
CA ASN B 43 13.01 -23.93 -11.16
C ASN B 43 12.11 -24.89 -10.36
N GLY B 44 11.00 -24.37 -9.82
CA GLY B 44 10.00 -25.15 -9.08
C GLY B 44 10.21 -25.28 -7.57
N GLU B 45 11.40 -24.95 -7.10
CA GLU B 45 11.85 -25.23 -5.75
C GLU B 45 11.69 -23.99 -4.92
N ARG B 46 11.14 -24.13 -3.71
CA ARG B 46 10.92 -23.01 -2.81
C ARG B 46 12.26 -22.33 -2.51
N ILE B 47 12.29 -21.01 -2.41
CA ILE B 47 13.50 -20.32 -2.02
C ILE B 47 13.38 -19.98 -0.56
N GLU B 48 14.42 -20.27 0.21
CA GLU B 48 14.33 -20.17 1.65
C GLU B 48 14.45 -18.73 2.21
N LYS B 49 15.45 -17.98 1.78
CA LYS B 49 15.68 -16.66 2.36
C LYS B 49 14.74 -15.67 1.63
N VAL B 50 13.48 -15.58 2.01
CA VAL B 50 12.56 -14.63 1.37
C VAL B 50 12.06 -13.71 2.45
N GLU B 51 12.00 -12.43 2.18
CA GLU B 51 11.51 -11.46 3.15
C GLU B 51 10.23 -10.83 2.62
N HIS B 52 9.49 -10.20 3.54
CA HIS B 52 8.34 -9.48 3.09
C HIS B 52 8.12 -8.19 3.91
N SER B 53 7.31 -7.36 3.32
CA SER B 53 6.98 -6.08 3.93
C SER B 53 5.94 -6.27 5.03
N ASP B 54 5.74 -5.21 5.80
CA ASP B 54 4.75 -5.14 6.83
C ASP B 54 3.37 -4.91 6.24
N LEU B 55 2.36 -5.62 6.76
CA LEU B 55 0.99 -5.53 6.26
C LEU B 55 0.43 -4.13 6.25
N SER B 56 -0.02 -3.72 5.07
CA SER B 56 -0.68 -2.44 4.92
C SER B 56 -1.86 -2.64 3.95
N PHE B 57 -2.57 -1.55 3.75
CA PHE B 57 -3.78 -1.58 2.87
C PHE B 57 -4.00 -0.34 2.13
N SER B 58 -4.78 -0.49 1.09
CA SER B 58 -5.08 0.56 0.15
C SER B 58 -6.38 1.34 0.52
N LYS B 59 -6.72 2.30 -0.31
CA LYS B 59 -7.91 3.15 -0.08
C LYS B 59 -9.22 2.40 -0.06
N ASP B 60 -9.25 1.29 -0.77
CA ASP B 60 -10.43 0.43 -0.81
C ASP B 60 -10.38 -0.67 0.25
N TRP B 61 -9.44 -0.54 1.19
CA TRP B 61 -9.26 -1.43 2.33
C TRP B 61 -8.60 -2.79 1.96
N SER B 62 -8.33 -3.03 0.69
CA SER B 62 -7.64 -4.29 0.26
C SER B 62 -6.17 -4.25 0.69
N PHE B 63 -5.63 -5.40 0.99
CA PHE B 63 -4.29 -5.54 1.52
C PHE B 63 -3.25 -5.67 0.44
N TYR B 64 -1.99 -5.32 0.80
CA TYR B 64 -0.89 -5.53 -0.10
C TYR B 64 0.37 -5.85 0.68
N LEU B 65 1.23 -6.65 0.05
CA LEU B 65 2.48 -7.10 0.61
C LEU B 65 3.51 -7.29 -0.54
N LEU B 66 4.74 -6.93 -0.26
CA LEU B 66 5.86 -7.24 -1.14
C LEU B 66 6.71 -8.35 -0.52
N TYR B 67 6.93 -9.41 -1.31
CA TYR B 67 7.82 -10.47 -0.95
C TYR B 67 9.03 -10.34 -1.89
N TYR B 68 10.22 -10.56 -1.39
CA TYR B 68 11.44 -10.32 -2.19
C TYR B 68 12.63 -11.11 -1.69
N THR B 69 13.54 -11.36 -2.62
CA THR B 69 14.78 -12.06 -2.31
C THR B 69 15.87 -11.58 -3.25
N GLU B 70 17.10 -11.65 -2.81
CA GLU B 70 18.22 -11.45 -3.73
C GLU B 70 18.34 -12.63 -4.68
N PHE B 71 18.68 -12.34 -5.94
CA PHE B 71 18.95 -13.40 -6.91
C PHE B 71 19.83 -12.90 -8.02
N THR B 72 20.40 -13.83 -8.78
CA THR B 72 21.10 -13.38 -9.98
C THR B 72 20.57 -14.17 -11.12
N PRO B 73 19.79 -13.51 -11.99
CA PRO B 73 19.21 -14.19 -13.12
C PRO B 73 20.23 -14.69 -14.14
N THR B 74 19.78 -15.68 -14.89
CA THR B 74 20.54 -16.27 -15.97
C THR B 74 19.62 -16.50 -17.16
N GLU B 75 20.19 -16.92 -18.28
CA GLU B 75 19.37 -17.20 -19.46
C GLU B 75 18.31 -18.28 -19.17
N LYS B 76 18.70 -19.32 -18.43
CA LYS B 76 17.96 -20.56 -18.34
C LYS B 76 17.15 -20.80 -17.06
N ASP B 77 17.51 -20.15 -15.94
CA ASP B 77 16.79 -20.36 -14.67
C ASP B 77 15.38 -19.74 -14.81
N GLU B 78 14.36 -20.42 -14.30
CA GLU B 78 13.01 -19.88 -14.29
C GLU B 78 12.64 -19.48 -12.88
N TYR B 79 11.98 -18.35 -12.75
CA TYR B 79 11.53 -17.91 -11.43
C TYR B 79 10.05 -17.69 -11.49
N ALA B 80 9.43 -17.82 -10.32
CA ALA B 80 8.01 -17.70 -10.21
C ALA B 80 7.60 -17.34 -8.78
N CYS B 81 6.34 -16.93 -8.65
CA CYS B 81 5.76 -16.64 -7.38
C CYS B 81 4.55 -17.58 -7.25
N ARG B 82 4.40 -18.26 -6.13
CA ARG B 82 3.22 -19.10 -5.92
C ARG B 82 2.41 -18.54 -4.72
N VAL B 83 1.12 -18.39 -4.92
CA VAL B 83 0.27 -17.67 -3.97
C VAL B 83 -0.93 -18.55 -3.63
N ASN B 84 -1.24 -18.66 -2.35
CA ASN B 84 -2.53 -19.23 -1.93
C ASN B 84 -3.26 -18.23 -1.01
N HIS B 85 -4.58 -18.26 -1.14
CA HIS B 85 -5.47 -17.37 -0.42
C HIS B 85 -6.79 -18.07 -0.36
N VAL B 86 -7.63 -17.71 0.60
CA VAL B 86 -8.92 -18.39 0.76
C VAL B 86 -9.81 -18.31 -0.51
N THR B 87 -9.59 -17.32 -1.36
CA THR B 87 -10.34 -17.20 -2.62
C THR B 87 -9.88 -18.14 -3.75
N LEU B 88 -8.73 -18.81 -3.59
CA LEU B 88 -8.20 -19.70 -4.61
C LEU B 88 -8.39 -21.18 -4.21
N SER B 89 -8.95 -21.99 -5.11
CA SER B 89 -9.13 -23.46 -4.85
C SER B 89 -7.80 -24.19 -4.85
N GLN B 90 -6.83 -23.64 -5.57
CA GLN B 90 -5.46 -24.13 -5.51
C GLN B 90 -4.49 -22.98 -5.72
N PRO B 91 -3.21 -23.19 -5.34
CA PRO B 91 -2.25 -22.07 -5.43
C PRO B 91 -2.08 -21.61 -6.86
N LYS B 92 -1.94 -20.31 -7.07
CA LYS B 92 -1.76 -19.72 -8.41
C LYS B 92 -0.26 -19.47 -8.60
N ILE B 93 0.29 -19.85 -9.76
CA ILE B 93 1.72 -19.67 -10.04
C ILE B 93 1.81 -18.68 -11.18
N VAL B 94 2.58 -17.63 -10.96
CA VAL B 94 2.85 -16.65 -11.99
C VAL B 94 4.37 -16.62 -12.21
N LYS B 95 4.78 -16.82 -13.46
CA LYS B 95 6.19 -16.97 -13.84
C LYS B 95 6.74 -15.58 -14.06
N TRP B 96 7.96 -15.37 -13.62
CA TRP B 96 8.67 -14.12 -13.92
C TRP B 96 8.99 -13.97 -15.39
N ASP B 97 8.59 -12.83 -15.94
CA ASP B 97 8.98 -12.45 -17.30
C ASP B 97 9.75 -11.17 -17.14
N ARG B 98 11.02 -11.21 -17.55
CA ARG B 98 11.93 -10.06 -17.40
C ARG B 98 11.49 -8.79 -18.15
N ASP B 99 10.51 -8.91 -19.06
CA ASP B 99 10.01 -7.76 -19.82
C ASP B 99 8.67 -7.25 -19.29
N MET B 100 8.23 -7.70 -18.13
CA MET B 100 6.97 -7.18 -17.58
C MET B 100 7.06 -6.76 -16.15
N PHE C 1 3.57 10.16 14.86
CA PHE C 1 3.22 10.09 16.29
C PHE C 1 1.76 9.67 16.40
N PRO C 2 1.49 8.46 16.92
CA PRO C 2 0.10 7.98 16.88
C PRO C 2 -0.78 8.64 17.91
N ARG C 3 -2.10 8.56 17.66
CA ARG C 3 -3.07 9.06 18.62
C ARG C 3 -3.32 7.97 19.63
N PRO C 4 -3.99 8.29 20.74
CA PRO C 4 -4.40 7.26 21.68
C PRO C 4 -5.67 6.48 21.30
N TRP C 5 -6.05 5.53 22.16
N TRP C 5 -6.05 5.52 22.12
CA TRP C 5 -6.99 4.42 21.81
CA TRP C 5 -6.93 4.44 21.65
C TRP C 5 -8.43 4.78 21.49
C TRP C 5 -8.43 4.76 21.51
N LEU C 6 -8.84 5.90 22.06
CA LEU C 6 -10.18 6.44 21.87
C LEU C 6 -11.23 5.76 22.73
N HIS C 7 -12.12 5.04 22.07
CA HIS C 7 -13.25 4.41 22.72
C HIS C 7 -13.45 3.29 21.74
N GLY C 8 -14.00 2.18 22.22
CA GLY C 8 -14.37 1.11 21.32
C GLY C 8 -15.57 1.50 20.45
N LEU C 9 -15.83 0.67 19.48
CA LEU C 9 -16.98 0.79 18.62
C LEU C 9 -18.09 -0.01 19.21
#